data_6GCV
#
_entry.id   6GCV
#
_cell.length_a   92.777
_cell.length_b   87.949
_cell.length_c   52.896
_cell.angle_alpha   90.00
_cell.angle_beta   93.05
_cell.angle_gamma   90.00
#
_symmetry.space_group_name_H-M   'C 1 2 1'
#
loop_
_entity.id
_entity.type
_entity.pdbx_description
1 polymer 'Chemotaxis transducer'
2 non-polymer 'NITRATE ION'
3 non-polymer 'SODIUM ION'
4 non-polymer 'ACETATE ION'
5 water water
#
_entity_poly.entity_id   1
_entity_poly.type   'polypeptide(L)'
_entity_poly.pdbx_seq_one_letter_code
;SGLVPAGSHMYLSMSISPETINVAGAQRMLSQKMAREALQLRLGAGDPKALAATIAQYERSAADLDAGNAERNVSRMGAP
EIAAQRQKVAQIWGRYRAMLDQVAQPASQVDLRGFSQYSTELLGELNNLVSLMSARADSVQHTQMW
;
_entity_poly.pdbx_strand_id   A,B,C
#
# COMPACT_ATOMS: atom_id res chain seq x y z
N MET A 14 16.65 -20.09 -5.30
N MET A 14 16.60 -20.16 -5.26
CA MET A 14 17.06 -19.51 -3.97
CA MET A 14 17.04 -19.53 -3.97
C MET A 14 17.88 -20.51 -3.15
C MET A 14 17.87 -20.52 -3.16
N SER A 15 18.98 -20.02 -2.59
CA SER A 15 19.86 -20.84 -1.73
C SER A 15 19.39 -20.83 -0.26
N ILE A 16 18.68 -19.80 0.13
CA ILE A 16 18.07 -19.75 1.47
C ILE A 16 16.59 -20.09 1.35
N SER A 17 15.97 -20.46 2.47
CA SER A 17 14.56 -20.76 2.46
C SER A 17 13.73 -19.50 2.23
N PRO A 18 12.57 -19.65 1.59
CA PRO A 18 11.68 -18.50 1.46
C PRO A 18 11.33 -17.90 2.81
N GLU A 19 11.20 -18.74 3.85
CA GLU A 19 10.87 -18.23 5.17
C GLU A 19 11.94 -17.28 5.70
N THR A 20 13.22 -17.49 5.32
CA THR A 20 14.27 -16.56 5.76
C THR A 20 13.98 -15.13 5.25
N ILE A 21 13.62 -15.04 3.97
N ILE A 21 13.61 -15.04 3.97
CA ILE A 21 13.30 -13.76 3.35
CA ILE A 21 13.30 -13.74 3.38
C ILE A 21 11.99 -13.19 3.92
C ILE A 21 11.98 -13.18 3.92
N ASN A 22 11.02 -14.06 4.18
CA ASN A 22 9.77 -13.64 4.80
C ASN A 22 9.99 -12.98 6.16
N VAL A 23 10.81 -13.63 6.99
CA VAL A 23 11.08 -13.13 8.32
C VAL A 23 11.82 -11.79 8.26
N ALA A 24 12.79 -11.69 7.38
CA ALA A 24 13.49 -10.41 7.23
C ALA A 24 12.53 -9.30 6.73
N GLY A 25 11.71 -9.62 5.72
CA GLY A 25 10.76 -8.63 5.25
C GLY A 25 9.79 -8.19 6.33
N ALA A 26 9.32 -9.14 7.13
CA ALA A 26 8.35 -8.82 8.18
C ALA A 26 8.94 -7.86 9.22
N GLN A 27 10.27 -7.84 9.37
CA GLN A 27 10.87 -6.86 10.28
C GLN A 27 10.47 -5.43 9.88
N ARG A 28 10.41 -5.19 8.57
CA ARG A 28 10.01 -3.89 8.06
C ARG A 28 8.63 -3.51 8.60
N MET A 29 7.70 -4.43 8.47
CA MET A 29 6.36 -4.22 8.99
C MET A 29 6.36 -4.02 10.49
N LEU A 30 7.11 -4.88 11.21
CA LEU A 30 7.04 -4.80 12.65
C LEU A 30 7.53 -3.44 13.16
N SER A 31 8.56 -2.90 12.52
CA SER A 31 9.06 -1.60 12.92
C SER A 31 7.97 -0.53 12.89
N GLN A 32 7.07 -0.65 11.92
CA GLN A 32 6.00 0.32 11.76
C GLN A 32 4.81 0.02 12.71
N LYS A 33 4.48 -1.26 12.86
CA LYS A 33 3.43 -1.66 13.79
C LYS A 33 3.73 -1.19 15.21
N MET A 34 4.97 -1.37 15.64
CA MET A 34 5.31 -0.97 16.98
C MET A 34 5.20 0.55 17.15
N ALA A 35 5.55 1.31 16.12
CA ALA A 35 5.41 2.75 16.20
C ALA A 35 3.93 3.13 16.35
N ARG A 36 3.07 2.53 15.56
CA ARG A 36 1.67 2.84 15.71
C ARG A 36 1.13 2.49 17.08
N GLU A 37 1.54 1.34 17.61
CA GLU A 37 1.10 0.94 18.95
C GLU A 37 1.61 1.94 20.01
N ALA A 38 2.86 2.37 19.90
CA ALA A 38 3.39 3.34 20.87
C ALA A 38 2.68 4.67 20.80
N LEU A 39 2.38 5.14 19.58
CA LEU A 39 1.66 6.39 19.42
C LEU A 39 0.23 6.28 19.97
N GLN A 40 -0.40 5.14 19.80
CA GLN A 40 -1.73 4.94 20.36
C GLN A 40 -1.72 4.96 21.91
N LEU A 41 -0.68 4.36 22.48
CA LEU A 41 -0.44 4.48 23.92
C LEU A 41 -0.22 5.94 24.31
N ARG A 42 0.50 6.71 23.53
CA ARG A 42 0.69 8.11 23.88
C ARG A 42 -0.64 8.86 23.95
N LEU A 43 -1.57 8.46 23.11
CA LEU A 43 -2.92 9.01 23.04
C LEU A 43 -3.87 8.47 24.12
N GLY A 44 -3.41 7.52 24.92
CA GLY A 44 -4.24 6.98 26.03
C GLY A 44 -5.25 5.95 25.59
N ALA A 45 -5.10 5.39 24.38
CA ALA A 45 -6.04 4.39 23.87
C ALA A 45 -5.36 3.12 23.44
N GLY A 46 -4.21 2.84 24.05
CA GLY A 46 -3.38 1.73 23.63
C GLY A 46 -3.33 0.56 24.58
N ASP A 47 -2.48 -0.38 24.24
CA ASP A 47 -2.35 -1.63 24.92
C ASP A 47 -0.87 -1.99 25.10
N PRO A 48 -0.35 -1.86 26.34
CA PRO A 48 1.08 -2.16 26.52
C PRO A 48 1.42 -3.58 26.19
N LYS A 49 0.48 -4.50 26.36
CA LYS A 49 0.76 -5.90 26.05
C LYS A 49 0.99 -6.09 24.56
N ALA A 50 0.28 -5.34 23.75
CA ALA A 50 0.38 -5.45 22.28
C ALA A 50 1.73 -4.92 21.84
N LEU A 51 2.13 -3.77 22.35
CA LEU A 51 3.42 -3.22 22.03
C LEU A 51 4.54 -4.19 22.40
N ALA A 52 4.48 -4.72 23.63
CA ALA A 52 5.47 -5.69 24.05
C ALA A 52 5.54 -6.86 23.12
N ALA A 53 4.38 -7.39 22.73
CA ALA A 53 4.37 -8.56 21.86
C ALA A 53 4.99 -8.28 20.51
N THR A 54 4.72 -7.10 19.94
CA THR A 54 5.29 -6.73 18.64
C THR A 54 6.81 -6.58 18.72
N ILE A 55 7.28 -5.92 19.77
CA ILE A 55 8.72 -5.78 20.01
C ILE A 55 9.35 -7.18 20.15
N ALA A 56 8.69 -8.07 20.87
CA ALA A 56 9.21 -9.43 21.05
C ALA A 56 9.29 -10.19 19.74
N GLN A 57 8.30 -10.00 18.87
CA GLN A 57 8.37 -10.65 17.54
C GLN A 57 9.59 -10.15 16.76
N TYR A 58 9.81 -8.85 16.78
CA TYR A 58 10.95 -8.27 16.10
C TYR A 58 12.26 -8.85 16.64
N GLU A 59 12.36 -8.91 17.97
CA GLU A 59 13.62 -9.35 18.58
C GLU A 59 13.82 -10.82 18.37
N ARG A 60 12.76 -11.61 18.34
CA ARG A 60 12.88 -13.04 18.10
C ARG A 60 13.41 -13.25 16.68
N SER A 61 12.83 -12.52 15.73
CA SER A 61 13.29 -12.62 14.36
C SER A 61 14.72 -12.15 14.21
N ALA A 62 15.11 -11.07 14.89
CA ALA A 62 16.47 -10.57 14.79
C ALA A 62 17.47 -11.64 15.24
N ALA A 63 17.14 -12.31 16.35
CA ALA A 63 18.03 -13.35 16.86
C ALA A 63 18.05 -14.55 15.91
N ASP A 64 16.91 -14.91 15.33
CA ASP A 64 16.87 -15.98 14.36
C ASP A 64 17.71 -15.69 13.13
N LEU A 65 17.66 -14.45 12.64
CA LEU A 65 18.47 -14.07 11.48
C LEU A 65 19.97 -14.06 11.82
N ASP A 66 20.31 -13.74 13.06
CA ASP A 66 21.70 -13.69 13.46
CA ASP A 66 21.71 -13.70 13.47
C ASP A 66 22.29 -15.09 13.66
N ALA A 67 21.50 -16.01 14.21
CA ALA A 67 21.99 -17.33 14.62
C ALA A 67 21.50 -18.50 13.79
N GLY A 68 20.47 -18.26 12.99
CA GLY A 68 19.72 -19.33 12.36
C GLY A 68 18.76 -19.94 13.33
N ASN A 69 17.68 -20.52 12.79
CA ASN A 69 16.72 -21.20 13.60
C ASN A 69 16.16 -22.33 12.76
N ALA A 70 16.63 -23.54 13.03
CA ALA A 70 16.28 -24.67 12.19
C ALA A 70 14.79 -25.01 12.27
N GLU A 71 14.25 -24.95 13.47
N GLU A 71 14.25 -24.95 13.47
CA GLU A 71 12.84 -25.25 13.71
CA GLU A 71 12.85 -25.26 13.71
C GLU A 71 11.95 -24.31 12.91
C GLU A 71 11.95 -24.31 12.92
N ARG A 72 12.34 -23.03 12.85
CA ARG A 72 11.57 -22.02 12.15
C ARG A 72 11.91 -21.92 10.67
N ASN A 73 12.94 -22.66 10.24
CA ASN A 73 13.39 -22.64 8.85
C ASN A 73 13.93 -21.27 8.45
N VAL A 74 14.69 -20.67 9.35
CA VAL A 74 15.39 -19.43 9.07
C VAL A 74 16.86 -19.75 8.99
N SER A 75 17.44 -19.47 7.85
CA SER A 75 18.88 -19.70 7.58
C SER A 75 19.74 -18.56 8.16
N ARG A 76 20.90 -18.89 8.73
CA ARG A 76 21.88 -17.85 9.08
C ARG A 76 22.61 -17.56 7.78
N MET A 77 22.75 -16.27 7.43
CA MET A 77 23.48 -15.89 6.26
C MET A 77 24.74 -15.19 6.73
N GLY A 78 25.86 -15.87 6.55
CA GLY A 78 27.14 -15.45 7.10
C GLY A 78 27.96 -14.48 6.25
N ALA A 79 27.47 -14.14 5.05
CA ALA A 79 28.17 -13.23 4.18
C ALA A 79 28.53 -11.97 4.93
N PRO A 80 29.77 -11.49 4.78
CA PRO A 80 30.17 -10.35 5.63
C PRO A 80 29.31 -9.10 5.45
N GLU A 81 28.88 -8.80 4.24
CA GLU A 81 28.05 -7.61 4.01
CA GLU A 81 28.04 -7.62 3.97
C GLU A 81 26.69 -7.73 4.66
N ILE A 82 26.16 -8.97 4.74
CA ILE A 82 24.84 -9.19 5.34
C ILE A 82 25.00 -9.11 6.86
N ALA A 83 26.00 -9.75 7.42
CA ALA A 83 26.29 -9.64 8.85
C ALA A 83 26.52 -8.20 9.25
N ALA A 84 27.26 -7.43 8.45
CA ALA A 84 27.52 -6.02 8.75
C ALA A 84 26.22 -5.20 8.75
N GLN A 85 25.33 -5.48 7.80
CA GLN A 85 24.04 -4.79 7.77
C GLN A 85 23.17 -5.17 8.97
N ARG A 86 23.20 -6.43 9.40
CA ARG A 86 22.46 -6.81 10.63
C ARG A 86 23.01 -6.03 11.81
N GLN A 87 24.33 -5.83 11.89
CA GLN A 87 24.88 -5.07 13.00
CA GLN A 87 24.92 -5.06 12.98
C GLN A 87 24.52 -3.58 12.93
N LYS A 88 24.50 -3.02 11.74
CA LYS A 88 24.09 -1.62 11.56
C LYS A 88 22.64 -1.45 12.00
N VAL A 89 21.80 -2.37 11.57
CA VAL A 89 20.38 -2.38 11.98
C VAL A 89 20.27 -2.48 13.50
N ALA A 90 21.05 -3.37 14.10
CA ALA A 90 20.98 -3.57 15.55
C ALA A 90 21.30 -2.32 16.34
N GLN A 91 22.26 -1.53 15.88
CA GLN A 91 22.60 -0.30 16.61
CA GLN A 91 22.61 -0.29 16.59
C GLN A 91 21.45 0.71 16.53
N ILE A 92 20.84 0.83 15.35
CA ILE A 92 19.70 1.74 15.19
C ILE A 92 18.53 1.24 16.02
N TRP A 93 18.28 -0.07 15.96
CA TRP A 93 17.21 -0.67 16.73
C TRP A 93 17.32 -0.37 18.22
N GLY A 94 18.50 -0.48 18.81
CA GLY A 94 18.61 -0.18 20.24
C GLY A 94 18.13 1.21 20.60
N ARG A 95 18.48 2.18 19.78
CA ARG A 95 18.05 3.55 20.03
CA ARG A 95 18.05 3.55 20.02
C ARG A 95 16.57 3.72 19.78
N TYR A 96 16.05 3.10 18.73
CA TYR A 96 14.61 3.18 18.41
C TYR A 96 13.78 2.55 19.50
N ARG A 97 14.23 1.40 20.00
CA ARG A 97 13.48 0.72 21.06
C ARG A 97 13.35 1.60 22.29
N ALA A 98 14.43 2.30 22.65
CA ALA A 98 14.36 3.19 23.80
C ALA A 98 13.38 4.34 23.53
N MET A 99 13.34 4.83 22.30
CA MET A 99 12.40 5.90 21.95
CA MET A 99 12.39 5.89 21.98
C MET A 99 10.95 5.42 22.06
N LEU A 100 10.69 4.19 21.61
CA LEU A 100 9.34 3.62 21.71
C LEU A 100 8.81 3.64 23.13
N ASP A 101 9.67 3.24 24.06
N ASP A 101 9.67 3.23 24.07
CA ASP A 101 9.31 3.20 25.46
CA ASP A 101 9.31 3.21 25.46
C ASP A 101 8.93 4.57 25.98
C ASP A 101 8.90 4.59 25.97
N GLN A 102 9.64 5.60 25.53
CA GLN A 102 9.35 6.98 25.93
C GLN A 102 8.06 7.50 25.26
N VAL A 103 7.92 7.27 23.96
CA VAL A 103 6.74 7.70 23.23
C VAL A 103 5.49 7.17 23.85
N ALA A 104 5.53 5.90 24.25
CA ALA A 104 4.35 5.22 24.77
C ALA A 104 3.86 5.74 26.13
N GLN A 105 4.66 6.54 26.82
CA GLN A 105 4.30 7.11 28.11
C GLN A 105 3.64 8.47 27.88
N PRO A 106 2.33 8.61 28.17
CA PRO A 106 1.66 9.86 27.83
C PRO A 106 2.27 11.11 28.40
N ALA A 107 2.86 11.02 29.59
CA ALA A 107 3.37 12.19 30.30
C ALA A 107 4.84 12.44 30.09
N SER A 108 5.49 11.70 29.19
CA SER A 108 6.92 11.92 28.94
C SER A 108 7.22 13.11 28.05
N GLN A 109 8.48 13.50 28.04
CA GLN A 109 8.99 14.49 27.11
C GLN A 109 9.68 13.76 25.97
N VAL A 110 9.24 14.01 24.74
CA VAL A 110 9.84 13.36 23.56
CA VAL A 110 9.82 13.35 23.58
C VAL A 110 9.83 14.32 22.40
N ASP A 111 10.62 13.99 21.39
CA ASP A 111 10.62 14.72 20.12
C ASP A 111 9.93 13.84 19.09
N LEU A 112 8.65 14.10 18.81
CA LEU A 112 7.90 13.21 17.95
C LEU A 112 8.37 13.24 16.49
N ARG A 113 8.87 14.38 16.03
N ARG A 113 8.87 14.38 16.03
CA ARG A 113 9.42 14.41 14.69
CA ARG A 113 9.44 14.44 14.70
C ARG A 113 10.73 13.64 14.61
C ARG A 113 10.73 13.64 14.61
N GLY A 114 11.53 13.70 15.67
CA GLY A 114 12.75 12.89 15.72
C GLY A 114 12.41 11.41 15.73
N PHE A 115 11.36 11.04 16.44
CA PHE A 115 10.90 9.66 16.49
C PHE A 115 10.49 9.15 15.11
N SER A 116 9.72 9.96 14.42
CA SER A 116 9.30 9.60 13.07
C SER A 116 10.48 9.44 12.12
N GLN A 117 11.44 10.37 12.20
CA GLN A 117 12.62 10.26 11.36
CA GLN A 117 12.63 10.27 11.37
C GLN A 117 13.37 8.96 11.65
N TYR A 118 13.45 8.61 12.92
CA TYR A 118 14.15 7.42 13.28
C TYR A 118 13.43 6.14 12.85
N SER A 119 12.10 6.18 12.90
CA SER A 119 11.31 5.06 12.39
C SER A 119 11.57 4.84 10.90
N THR A 120 11.60 5.94 10.16
CA THR A 120 11.86 5.90 8.72
CA THR A 120 11.84 5.87 8.74
C THR A 120 13.27 5.41 8.43
N GLU A 121 14.24 5.85 9.23
CA GLU A 121 15.61 5.42 9.08
C GLU A 121 15.74 3.92 9.29
N LEU A 122 15.16 3.43 10.39
CA LEU A 122 15.22 2.00 10.66
C LEU A 122 14.58 1.21 9.53
N LEU A 123 13.39 1.66 9.11
CA LEU A 123 12.69 1.00 8.00
C LEU A 123 13.60 0.89 6.77
N GLY A 124 14.28 1.98 6.46
CA GLY A 124 15.18 1.99 5.30
C GLY A 124 16.30 0.98 5.43
N GLU A 125 16.88 0.90 6.62
CA GLU A 125 17.97 -0.05 6.85
C GLU A 125 17.51 -1.49 6.86
N LEU A 126 16.28 -1.73 7.32
CA LEU A 126 15.71 -3.05 7.21
C LEU A 126 15.43 -3.42 5.78
N ASN A 127 14.94 -2.47 4.99
CA ASN A 127 14.76 -2.73 3.58
C ASN A 127 16.10 -3.03 2.91
N ASN A 128 17.15 -2.29 3.30
CA ASN A 128 18.47 -2.56 2.75
C ASN A 128 18.94 -3.99 3.10
N LEU A 129 18.65 -4.43 4.32
CA LEU A 129 18.99 -5.79 4.73
C LEU A 129 18.29 -6.82 3.85
N VAL A 130 16.99 -6.64 3.65
CA VAL A 130 16.24 -7.52 2.76
C VAL A 130 16.87 -7.56 1.37
N SER A 131 17.20 -6.40 0.84
CA SER A 131 17.81 -6.31 -0.50
CA SER A 131 17.80 -6.31 -0.50
C SER A 131 19.12 -7.08 -0.57
N LEU A 132 19.96 -6.92 0.43
CA LEU A 132 21.24 -7.65 0.43
C LEU A 132 21.03 -9.16 0.50
N MET A 133 20.09 -9.56 1.35
CA MET A 133 19.77 -10.99 1.49
C MET A 133 19.26 -11.57 0.19
N SER A 134 18.37 -10.83 -0.48
CA SER A 134 17.81 -11.31 -1.73
C SER A 134 18.84 -11.36 -2.84
N ALA A 135 19.74 -10.39 -2.86
CA ALA A 135 20.79 -10.37 -3.87
C ALA A 135 21.65 -11.64 -3.79
N ARG A 136 21.94 -11.98 -2.49
CA ARG A 136 22.81 -13.16 -2.30
CA ARG A 136 22.81 -13.16 -2.29
C ARG A 136 22.04 -14.44 -2.59
N ALA A 137 20.77 -14.49 -2.18
CA ALA A 137 19.97 -15.69 -2.30
C ALA A 137 19.51 -15.98 -3.73
N ASP A 138 19.24 -14.94 -4.50
CA ASP A 138 18.51 -15.08 -5.78
C ASP A 138 19.40 -15.21 -6.99
N SER A 139 18.89 -15.91 -7.99
CA SER A 139 19.57 -16.05 -9.28
C SER A 139 19.28 -14.86 -10.20
N MET B 14 11.38 -21.11 -8.08
N MET B 14 11.42 -21.37 -8.46
CA MET B 14 10.25 -20.12 -8.04
CA MET B 14 10.31 -20.40 -8.19
C MET B 14 9.73 -19.81 -9.44
C MET B 14 9.73 -19.91 -9.51
N SER B 15 8.41 -19.83 -9.59
CA SER B 15 7.73 -19.50 -10.86
C SER B 15 7.51 -17.98 -11.04
N ILE B 16 7.42 -17.27 -9.93
CA ILE B 16 7.28 -15.84 -9.93
C ILE B 16 8.62 -15.21 -9.57
N SER B 17 8.81 -13.93 -9.91
CA SER B 17 10.00 -13.22 -9.52
C SER B 17 10.03 -13.00 -8.00
N PRO B 18 11.23 -12.99 -7.43
CA PRO B 18 11.36 -12.63 -6.02
C PRO B 18 10.76 -11.26 -5.72
N GLU B 19 10.87 -10.34 -6.66
CA GLU B 19 10.29 -9.00 -6.46
C GLU B 19 8.77 -9.05 -6.25
N THR B 20 8.11 -10.05 -6.83
CA THR B 20 6.66 -10.20 -6.61
C THR B 20 6.36 -10.42 -5.12
N ILE B 21 7.13 -11.31 -4.50
CA ILE B 21 6.97 -11.63 -3.08
C ILE B 21 7.39 -10.43 -2.22
N ASN B 22 8.44 -9.73 -2.64
CA ASN B 22 8.85 -8.52 -1.93
C ASN B 22 7.76 -7.48 -1.89
N VAL B 23 7.16 -7.22 -3.04
CA VAL B 23 6.09 -6.21 -3.13
C VAL B 23 4.88 -6.62 -2.30
N ALA B 24 4.49 -7.88 -2.35
CA ALA B 24 3.37 -8.34 -1.52
C ALA B 24 3.68 -8.22 -0.03
N GLY B 25 4.90 -8.62 0.36
CA GLY B 25 5.26 -8.46 1.76
C GLY B 25 5.26 -7.02 2.19
N ALA B 26 5.76 -6.14 1.34
CA ALA B 26 5.81 -4.71 1.69
C ALA B 26 4.42 -4.12 1.87
N GLN B 27 3.38 -4.70 1.27
CA GLN B 27 2.02 -4.21 1.54
C GLN B 27 1.70 -4.33 3.03
N ARG B 28 2.18 -5.41 3.67
CA ARG B 28 1.99 -5.56 5.11
C ARG B 28 2.56 -4.32 5.82
N MET B 29 3.80 -4.02 5.52
CA MET B 29 4.46 -2.88 6.10
C MET B 29 3.72 -1.57 5.83
N LEU B 30 3.31 -1.36 4.57
CA LEU B 30 2.66 -0.09 4.22
C LEU B 30 1.38 0.11 5.02
N SER B 31 0.62 -0.96 5.23
CA SER B 31 -0.61 -0.83 6.01
C SER B 31 -0.32 -0.28 7.41
N GLN B 32 0.82 -0.66 7.98
CA GLN B 32 1.18 -0.23 9.32
C GLN B 32 1.83 1.15 9.32
N LYS B 33 2.64 1.43 8.28
CA LYS B 33 3.23 2.76 8.11
CA LYS B 33 3.24 2.75 8.11
C LYS B 33 2.14 3.82 8.00
N MET B 34 1.07 3.52 7.28
CA MET B 34 -0.04 4.48 7.18
C MET B 34 -0.65 4.77 8.54
N ALA B 35 -0.82 3.73 9.35
CA ALA B 35 -1.38 3.95 10.68
C ALA B 35 -0.45 4.80 11.55
N ARG B 36 0.83 4.51 11.50
CA ARG B 36 1.81 5.33 12.20
CA ARG B 36 1.83 5.32 12.19
C ARG B 36 1.71 6.79 11.77
N GLU B 37 1.68 7.00 10.44
CA GLU B 37 1.58 8.37 9.95
C GLU B 37 0.31 9.08 10.33
N ALA B 38 -0.80 8.36 10.30
CA ALA B 38 -2.09 8.96 10.68
C ALA B 38 -2.11 9.33 12.17
N LEU B 39 -1.52 8.48 13.01
CA LEU B 39 -1.45 8.82 14.44
C LEU B 39 -0.49 9.95 14.72
N GLN B 40 0.60 10.03 13.98
CA GLN B 40 1.50 11.16 14.12
CA GLN B 40 1.52 11.17 14.07
C GLN B 40 0.76 12.45 13.78
N LEU B 41 -0.04 12.43 12.69
CA LEU B 41 -0.88 13.58 12.34
C LEU B 41 -1.90 13.87 13.44
N ARG B 42 -2.50 12.85 14.03
CA ARG B 42 -3.44 13.09 15.12
C ARG B 42 -2.78 13.85 16.26
N LEU B 43 -1.51 13.56 16.51
CA LEU B 43 -0.69 14.20 17.54
C LEU B 43 -0.08 15.52 17.14
N GLY B 44 -0.37 15.99 15.94
CA GLY B 44 0.13 17.27 15.47
C GLY B 44 1.59 17.31 15.06
N ALA B 45 2.18 16.13 14.86
CA ALA B 45 3.60 15.98 14.57
C ALA B 45 3.84 15.18 13.31
N GLY B 46 2.91 15.29 12.36
CA GLY B 46 2.94 14.47 11.17
C GLY B 46 3.14 15.27 9.92
N ASP B 47 3.01 14.56 8.80
CA ASP B 47 3.26 15.15 7.49
C ASP B 47 2.21 14.61 6.53
N PRO B 48 1.25 15.46 6.10
CA PRO B 48 0.22 14.96 5.21
C PRO B 48 0.78 14.38 3.92
N LYS B 49 1.91 14.92 3.46
CA LYS B 49 2.48 14.44 2.20
CA LYS B 49 2.49 14.44 2.19
C LYS B 49 3.00 13.02 2.36
N ALA B 50 3.50 12.70 3.56
CA ALA B 50 4.00 11.35 3.81
C ALA B 50 2.89 10.34 3.79
N LEU B 51 1.80 10.65 4.46
CA LEU B 51 0.66 9.74 4.46
C LEU B 51 0.16 9.53 3.03
N ALA B 52 0.02 10.61 2.27
CA ALA B 52 -0.44 10.48 0.91
C ALA B 52 0.48 9.61 0.09
N ALA B 53 1.79 9.78 0.25
CA ALA B 53 2.73 8.97 -0.51
C ALA B 53 2.63 7.49 -0.16
N THR B 54 2.46 7.19 1.14
CA THR B 54 2.35 5.78 1.55
C THR B 54 1.08 5.13 1.00
N ILE B 55 -0.04 5.86 1.09
CA ILE B 55 -1.30 5.38 0.51
C ILE B 55 -1.11 5.10 -1.00
N ALA B 56 -0.47 6.04 -1.68
CA ALA B 56 -0.27 5.88 -3.14
C ALA B 56 0.61 4.68 -3.45
N GLN B 57 1.65 4.46 -2.63
CA GLN B 57 2.51 3.29 -2.86
C GLN B 57 1.72 1.99 -2.70
N TYR B 58 0.90 1.92 -1.66
CA TYR B 58 0.07 0.75 -1.47
C TYR B 58 -0.82 0.52 -2.70
N GLU B 59 -1.44 1.61 -3.16
CA GLU B 59 -2.40 1.50 -4.29
C GLU B 59 -1.69 1.05 -5.56
N ARG B 60 -0.49 1.59 -5.81
N ARG B 60 -0.50 1.61 -5.82
CA ARG B 60 0.23 1.17 -7.00
CA ARG B 60 0.24 1.18 -7.02
C ARG B 60 0.65 -0.29 -6.91
C ARG B 60 0.65 -0.29 -6.92
N SER B 61 1.13 -0.69 -5.74
CA SER B 61 1.53 -2.09 -5.57
C SER B 61 0.33 -3.03 -5.68
N ALA B 62 -0.83 -2.62 -5.15
CA ALA B 62 -2.00 -3.48 -5.26
C ALA B 62 -2.40 -3.69 -6.72
N ALA B 63 -2.30 -2.61 -7.51
CA ALA B 63 -2.57 -2.68 -8.94
C ALA B 63 -1.56 -3.61 -9.63
N ASP B 64 -0.28 -3.50 -9.24
CA ASP B 64 0.74 -4.34 -9.80
C ASP B 64 0.49 -5.82 -9.51
N LEU B 65 0.07 -6.13 -8.29
CA LEU B 65 -0.22 -7.52 -7.93
C LEU B 65 -1.44 -8.06 -8.68
N ASP B 66 -2.42 -7.18 -8.95
CA ASP B 66 -3.62 -7.60 -9.65
C ASP B 66 -3.38 -7.86 -11.13
N ALA B 67 -2.51 -7.06 -11.75
CA ALA B 67 -2.35 -7.07 -13.20
C ALA B 67 -1.00 -7.55 -13.70
N GLY B 68 -0.04 -7.66 -12.80
CA GLY B 68 1.37 -7.72 -13.17
C GLY B 68 1.90 -6.37 -13.57
N ASN B 69 3.21 -6.23 -13.51
CA ASN B 69 3.88 -5.01 -13.93
CA ASN B 69 3.86 -5.01 -13.94
C ASN B 69 5.25 -5.40 -14.42
N ALA B 70 5.43 -5.41 -15.73
CA ALA B 70 6.68 -5.90 -16.30
C ALA B 70 7.86 -5.04 -15.95
N GLU B 71 7.65 -3.72 -16.00
CA GLU B 71 8.69 -2.74 -15.72
C GLU B 71 9.23 -2.94 -14.29
N ARG B 72 8.33 -3.23 -13.35
CA ARG B 72 8.69 -3.41 -11.97
C ARG B 72 9.05 -4.85 -11.61
N ASN B 73 8.90 -5.75 -12.56
CA ASN B 73 9.14 -7.18 -12.37
C ASN B 73 8.23 -7.79 -11.31
N VAL B 74 6.96 -7.42 -11.38
CA VAL B 74 5.92 -8.05 -10.56
C VAL B 74 5.11 -8.97 -11.45
N SER B 75 5.11 -10.24 -11.11
CA SER B 75 4.45 -11.29 -11.88
C SER B 75 2.97 -11.38 -11.55
N ARG B 76 2.16 -11.69 -12.55
CA ARG B 76 0.77 -12.08 -12.36
CA ARG B 76 0.78 -12.07 -12.31
C ARG B 76 0.69 -13.41 -11.62
N MET B 77 -0.24 -13.51 -10.70
CA MET B 77 -0.58 -14.80 -10.11
C MET B 77 -2.07 -14.95 -10.23
N GLY B 78 -2.46 -15.82 -11.16
CA GLY B 78 -3.88 -15.98 -11.50
C GLY B 78 -4.59 -17.09 -10.74
N ALA B 79 -3.90 -17.81 -9.86
CA ALA B 79 -4.55 -18.93 -9.15
C ALA B 79 -5.82 -18.39 -8.46
N PRO B 80 -6.91 -19.19 -8.56
CA PRO B 80 -8.18 -18.63 -8.03
C PRO B 80 -8.14 -18.22 -6.55
N GLU B 81 -7.45 -18.98 -5.70
CA GLU B 81 -7.41 -18.64 -4.28
C GLU B 81 -6.64 -17.35 -4.03
N ILE B 82 -5.64 -17.07 -4.87
CA ILE B 82 -4.85 -15.86 -4.72
C ILE B 82 -5.68 -14.67 -5.21
N ALA B 83 -6.31 -14.82 -6.38
CA ALA B 83 -7.19 -13.75 -6.85
C ALA B 83 -8.30 -13.44 -5.84
N ALA B 84 -8.90 -14.48 -5.26
CA ALA B 84 -9.95 -14.30 -4.26
C ALA B 84 -9.45 -13.56 -3.02
N GLN B 85 -8.23 -13.87 -2.58
CA GLN B 85 -7.64 -13.19 -1.44
C GLN B 85 -7.33 -11.72 -1.76
N ARG B 86 -6.86 -11.43 -2.99
CA ARG B 86 -6.66 -10.01 -3.37
C ARG B 86 -7.99 -9.26 -3.31
N GLN B 87 -9.08 -9.90 -3.71
N GLN B 87 -9.08 -9.90 -3.71
CA GLN B 87 -10.39 -9.26 -3.64
CA GLN B 87 -10.39 -9.23 -3.63
C GLN B 87 -10.84 -9.03 -2.19
C GLN B 87 -10.83 -9.01 -2.18
N LYS B 88 -10.60 -10.00 -1.32
CA LYS B 88 -10.93 -9.87 0.09
CA LYS B 88 -10.93 -9.87 0.10
C LYS B 88 -10.15 -8.71 0.70
N VAL B 89 -8.85 -8.66 0.42
CA VAL B 89 -8.00 -7.56 0.87
C VAL B 89 -8.53 -6.21 0.38
N ALA B 90 -8.94 -6.15 -0.90
CA ALA B 90 -9.39 -4.90 -1.44
C ALA B 90 -10.62 -4.34 -0.71
N GLN B 91 -11.54 -5.21 -0.32
N GLN B 91 -11.54 -5.20 -0.31
CA GLN B 91 -12.72 -4.73 0.40
CA GLN B 91 -12.72 -4.73 0.42
C GLN B 91 -12.34 -4.14 1.77
C GLN B 91 -12.33 -4.13 1.78
N ILE B 92 -11.44 -4.81 2.48
CA ILE B 92 -10.96 -4.32 3.79
C ILE B 92 -10.19 -3.01 3.59
N TRP B 93 -9.32 -2.98 2.58
CA TRP B 93 -8.55 -1.79 2.26
C TRP B 93 -9.46 -0.57 2.05
N GLY B 94 -10.54 -0.74 1.29
CA GLY B 94 -11.39 0.43 1.04
C GLY B 94 -11.92 1.06 2.34
N ARG B 95 -12.32 0.22 3.27
CA ARG B 95 -12.81 0.72 4.54
C ARG B 95 -11.70 1.33 5.39
N TYR B 96 -10.53 0.68 5.40
CA TYR B 96 -9.38 1.17 6.16
C TYR B 96 -8.94 2.54 5.67
N ARG B 97 -8.88 2.69 4.35
CA ARG B 97 -8.42 3.93 3.77
CA ARG B 97 -8.42 3.93 3.73
C ARG B 97 -9.27 5.11 4.27
N ALA B 98 -10.56 4.90 4.33
CA ALA B 98 -11.41 5.98 4.82
C ALA B 98 -11.13 6.31 6.30
N MET B 99 -10.87 5.29 7.08
CA MET B 99 -10.60 5.51 8.50
C MET B 99 -9.37 6.43 8.71
N LEU B 100 -8.41 6.33 7.81
CA LEU B 100 -7.17 7.09 7.97
C LEU B 100 -7.41 8.58 8.06
N ASP B 101 -8.27 9.08 7.21
CA ASP B 101 -8.57 10.51 7.17
CA ASP B 101 -8.52 10.51 7.18
C ASP B 101 -9.16 10.99 8.48
N GLN B 102 -10.01 10.16 9.10
CA GLN B 102 -10.59 10.51 10.40
CA GLN B 102 -10.60 10.51 10.39
C GLN B 102 -9.57 10.53 11.51
N VAL B 103 -8.75 9.50 11.54
CA VAL B 103 -7.72 9.40 12.55
C VAL B 103 -6.76 10.58 12.50
N ALA B 104 -6.39 10.95 11.27
CA ALA B 104 -5.39 11.99 11.04
C ALA B 104 -5.84 13.38 11.44
N GLN B 105 -7.16 13.61 11.64
CA GLN B 105 -7.65 14.90 12.04
C GLN B 105 -7.58 15.06 13.56
N PRO B 106 -6.74 15.98 14.07
CA PRO B 106 -6.59 16.09 15.51
C PRO B 106 -7.87 16.29 16.28
N ALA B 107 -8.84 16.99 15.68
CA ALA B 107 -10.05 17.38 16.40
C ALA B 107 -11.22 16.47 16.13
N SER B 108 -11.02 15.33 15.46
CA SER B 108 -12.14 14.45 15.20
C SER B 108 -12.52 13.60 16.43
N GLN B 109 -13.69 13.01 16.34
CA GLN B 109 -14.12 11.97 17.26
C GLN B 109 -13.92 10.71 16.48
N VAL B 110 -13.06 9.86 16.93
CA VAL B 110 -12.77 8.58 16.30
C VAL B 110 -12.57 7.56 17.42
N ASP B 111 -12.88 6.31 17.09
CA ASP B 111 -12.63 5.19 18.02
C ASP B 111 -11.31 4.52 17.66
N LEU B 112 -10.29 4.87 18.43
CA LEU B 112 -8.94 4.44 18.11
C LEU B 112 -8.76 2.96 18.28
N ARG B 113 -9.47 2.32 19.22
CA ARG B 113 -9.39 0.89 19.33
C ARG B 113 -10.03 0.20 18.16
N GLY B 114 -11.11 0.75 17.63
CA GLY B 114 -11.69 0.23 16.40
C GLY B 114 -10.70 0.31 15.22
N PHE B 115 -10.02 1.44 15.16
CA PHE B 115 -9.02 1.66 14.11
C PHE B 115 -7.87 0.64 14.21
N SER B 116 -7.33 0.46 15.40
CA SER B 116 -6.21 -0.48 15.55
CA SER B 116 -6.21 -0.49 15.62
C SER B 116 -6.66 -1.90 15.28
N GLN B 117 -7.87 -2.27 15.70
CA GLN B 117 -8.37 -3.59 15.33
CA GLN B 117 -8.39 -3.58 15.33
C GLN B 117 -8.44 -3.77 13.83
N TYR B 118 -8.93 -2.76 13.14
CA TYR B 118 -9.07 -2.86 11.70
C TYR B 118 -7.70 -2.88 11.00
N SER B 119 -6.74 -2.12 11.53
CA SER B 119 -5.39 -2.15 10.99
C SER B 119 -4.79 -3.55 11.11
N THR B 120 -5.00 -4.18 12.25
CA THR B 120 -4.52 -5.54 12.48
C THR B 120 -5.24 -6.55 11.59
N GLU B 121 -6.53 -6.35 11.37
CA GLU B 121 -7.28 -7.21 10.47
C GLU B 121 -6.74 -7.14 9.03
N LEU B 122 -6.53 -5.93 8.55
CA LEU B 122 -5.98 -5.75 7.21
C LEU B 122 -4.59 -6.41 7.10
N LEU B 123 -3.76 -6.14 8.10
CA LEU B 123 -2.43 -6.75 8.17
C LEU B 123 -2.54 -8.28 8.05
N GLY B 124 -3.47 -8.88 8.78
CA GLY B 124 -3.62 -10.33 8.75
C GLY B 124 -3.98 -10.83 7.40
N GLU B 125 -4.88 -10.12 6.72
CA GLU B 125 -5.26 -10.55 5.37
C GLU B 125 -4.17 -10.33 4.34
N LEU B 126 -3.38 -9.29 4.53
CA LEU B 126 -2.21 -9.12 3.68
C LEU B 126 -1.18 -10.22 3.92
N ASN B 127 -1.00 -10.60 5.18
CA ASN B 127 -0.11 -11.69 5.49
C ASN B 127 -0.62 -13.00 4.88
N ASN B 128 -1.94 -13.21 4.94
CA ASN B 128 -2.51 -14.41 4.32
C ASN B 128 -2.25 -14.41 2.81
N LEU B 129 -2.36 -13.25 2.17
CA LEU B 129 -2.06 -13.14 0.75
C LEU B 129 -0.58 -13.55 0.46
N VAL B 130 0.36 -13.03 1.24
CA VAL B 130 1.77 -13.40 1.08
C VAL B 130 1.94 -14.92 1.21
N SER B 131 1.30 -15.50 2.22
CA SER B 131 1.41 -16.94 2.45
C SER B 131 0.90 -17.72 1.23
N LEU B 132 -0.25 -17.33 0.70
CA LEU B 132 -0.82 -18.03 -0.45
C LEU B 132 0.09 -17.90 -1.67
N MET B 133 0.64 -16.71 -1.88
CA MET B 133 1.55 -16.47 -2.99
C MET B 133 2.80 -17.32 -2.90
N SER B 134 3.36 -17.39 -1.68
CA SER B 134 4.57 -18.16 -1.48
C SER B 134 4.32 -19.64 -1.65
N ALA B 135 3.18 -20.12 -1.18
CA ALA B 135 2.86 -21.53 -1.33
C ALA B 135 2.84 -21.94 -2.80
N ARG B 136 2.22 -21.05 -3.58
N ARG B 136 2.23 -21.08 -3.62
CA ARG B 136 2.08 -21.35 -5.03
CA ARG B 136 2.09 -21.39 -5.06
C ARG B 136 3.42 -21.21 -5.76
C ARG B 136 3.47 -21.27 -5.80
N ALA B 137 4.17 -20.19 -5.37
CA ALA B 137 5.48 -19.92 -6.03
C ALA B 137 6.59 -20.92 -5.73
N ASP B 138 6.59 -21.45 -4.50
CA ASP B 138 7.74 -22.12 -3.87
C ASP B 138 8.85 -21.11 -3.59
N SER C 15 4.60 26.39 -12.60
CA SER C 15 3.22 25.79 -12.65
C SER C 15 3.31 24.26 -12.60
N ILE C 16 2.30 23.58 -13.13
CA ILE C 16 2.28 22.14 -13.13
C ILE C 16 2.67 21.62 -14.51
N SER C 17 3.24 20.42 -14.54
CA SER C 17 3.80 19.89 -15.77
C SER C 17 2.70 19.55 -16.77
N PRO C 18 3.00 19.66 -18.07
CA PRO C 18 2.06 19.21 -19.07
C PRO C 18 1.66 17.74 -18.88
N GLU C 19 2.60 16.92 -18.42
N GLU C 19 2.61 16.93 -18.42
N GLU C 19 2.61 16.93 -18.42
CA GLU C 19 2.32 15.51 -18.20
CA GLU C 19 2.37 15.53 -18.16
CA GLU C 19 2.35 15.52 -18.17
C GLU C 19 1.23 15.33 -17.14
C GLU C 19 1.25 15.33 -17.13
C GLU C 19 1.24 15.33 -17.14
N THR C 20 1.13 16.26 -16.18
CA THR C 20 0.05 16.18 -15.19
C THR C 20 -1.33 16.23 -15.85
N ILE C 21 -1.48 17.16 -16.79
CA ILE C 21 -2.73 17.34 -17.51
C ILE C 21 -2.97 16.15 -18.47
N ASN C 22 -1.90 15.63 -19.06
CA ASN C 22 -1.99 14.47 -19.92
C ASN C 22 -2.52 13.26 -19.18
N VAL C 23 -1.95 13.02 -17.99
CA VAL C 23 -2.34 11.87 -17.19
C VAL C 23 -3.80 12.00 -16.76
N ALA C 24 -4.20 13.18 -16.31
CA ALA C 24 -5.59 13.38 -15.93
C ALA C 24 -6.54 13.18 -17.12
N GLY C 25 -6.18 13.73 -18.28
CA GLY C 25 -7.01 13.52 -19.47
C GLY C 25 -7.12 12.05 -19.83
N ALA C 26 -5.99 11.34 -19.74
CA ALA C 26 -5.97 9.93 -20.10
C ALA C 26 -6.88 9.11 -19.18
N GLN C 27 -7.16 9.58 -17.94
CA GLN C 27 -8.11 8.86 -17.11
C GLN C 27 -9.48 8.79 -17.78
N ARG C 28 -9.86 9.87 -18.49
CA ARG C 28 -11.11 9.88 -19.24
C ARG C 28 -11.13 8.69 -20.19
N MET C 29 -10.07 8.61 -20.99
CA MET C 29 -9.94 7.53 -21.95
C MET C 29 -9.95 6.16 -21.28
N LEU C 30 -9.19 6.01 -20.20
CA LEU C 30 -9.09 4.69 -19.57
C LEU C 30 -10.44 4.22 -19.06
N SER C 31 -11.26 5.14 -18.54
CA SER C 31 -12.58 4.75 -18.09
C SER C 31 -13.40 4.08 -19.18
N GLN C 32 -13.22 4.57 -20.41
CA GLN C 32 -13.96 4.05 -21.56
C GLN C 32 -13.31 2.80 -22.14
N LYS C 33 -11.97 2.78 -22.16
CA LYS C 33 -11.25 1.59 -22.60
CA LYS C 33 -11.26 1.61 -22.61
C LYS C 33 -11.63 0.38 -21.74
N MET C 34 -11.73 0.57 -20.43
CA MET C 34 -12.14 -0.50 -19.51
CA MET C 34 -12.05 -0.58 -19.61
C MET C 34 -13.50 -1.05 -19.88
N ALA C 35 -14.42 -0.12 -20.17
CA ALA C 35 -15.77 -0.56 -20.53
C ALA C 35 -15.76 -1.37 -21.82
N ARG C 36 -15.04 -0.90 -22.83
CA ARG C 36 -14.90 -1.65 -24.06
CA ARG C 36 -14.89 -1.66 -24.08
C ARG C 36 -14.36 -3.06 -23.78
N GLU C 37 -13.31 -3.13 -22.98
CA GLU C 37 -12.70 -4.43 -22.70
C GLU C 37 -13.65 -5.35 -21.96
N ALA C 38 -14.37 -4.81 -20.98
CA ALA C 38 -15.32 -5.63 -20.21
C ALA C 38 -16.45 -6.14 -21.08
N LEU C 39 -16.97 -5.26 -21.95
CA LEU C 39 -18.08 -5.70 -22.82
C LEU C 39 -17.60 -6.73 -23.84
N GLN C 40 -16.36 -6.57 -24.33
CA GLN C 40 -15.84 -7.58 -25.24
C GLN C 40 -15.67 -8.94 -24.55
N LEU C 41 -15.24 -8.92 -23.29
CA LEU C 41 -15.20 -10.13 -22.47
C LEU C 41 -16.61 -10.69 -22.25
N ARG C 42 -17.60 -9.84 -22.06
CA ARG C 42 -18.97 -10.35 -21.93
C ARG C 42 -19.40 -11.11 -23.17
N LEU C 43 -18.94 -10.64 -24.33
CA LEU C 43 -19.21 -11.26 -25.64
C LEU C 43 -18.33 -12.46 -25.95
N GLY C 44 -17.44 -12.84 -25.03
CA GLY C 44 -16.60 -14.00 -25.20
C GLY C 44 -15.46 -13.86 -26.16
N ALA C 45 -15.07 -12.61 -26.45
CA ALA C 45 -14.05 -12.31 -27.45
C ALA C 45 -12.99 -11.42 -26.90
N GLY C 46 -12.79 -11.45 -25.59
CA GLY C 46 -11.90 -10.50 -24.94
C GLY C 46 -10.68 -11.13 -24.31
N ASP C 47 -9.96 -10.32 -23.54
CA ASP C 47 -8.72 -10.73 -22.88
C ASP C 47 -8.73 -10.22 -21.44
N PRO C 48 -8.88 -11.14 -20.46
CA PRO C 48 -8.99 -10.68 -19.07
C PRO C 48 -7.76 -9.91 -18.63
N LYS C 49 -6.62 -10.26 -19.15
CA LYS C 49 -5.38 -9.59 -18.77
C LYS C 49 -5.39 -8.13 -19.22
N ALA C 50 -6.00 -7.86 -20.36
CA ALA C 50 -6.09 -6.50 -20.86
C ALA C 50 -6.96 -5.62 -19.98
N LEU C 51 -8.12 -6.15 -19.61
CA LEU C 51 -8.98 -5.40 -18.69
C LEU C 51 -8.22 -5.12 -17.37
N ALA C 52 -7.58 -6.14 -16.82
CA ALA C 52 -6.86 -5.94 -15.57
C ALA C 52 -5.77 -4.88 -15.71
N ALA C 53 -5.06 -4.90 -16.85
CA ALA C 53 -3.99 -3.93 -17.05
C ALA C 53 -4.53 -2.50 -17.13
N THR C 54 -5.67 -2.32 -17.81
CA THR C 54 -6.26 -1.00 -17.94
C THR C 54 -6.74 -0.47 -16.57
N ILE C 55 -7.41 -1.34 -15.81
CA ILE C 55 -7.81 -1.00 -14.43
C ILE C 55 -6.59 -0.57 -13.62
N ALA C 56 -5.50 -1.36 -13.71
CA ALA C 56 -4.30 -1.05 -12.95
C ALA C 56 -3.71 0.28 -13.34
N GLN C 57 -3.70 0.59 -14.65
CA GLN C 57 -3.19 1.87 -15.10
C GLN C 57 -4.01 3.03 -14.55
N TYR C 58 -5.34 2.89 -14.56
CA TYR C 58 -6.18 3.92 -13.97
C TYR C 58 -5.82 4.10 -12.48
N GLU C 59 -5.69 2.99 -11.76
N GLU C 59 -5.64 2.99 -11.77
CA GLU C 59 -5.43 3.08 -10.32
CA GLU C 59 -5.42 3.06 -10.34
C GLU C 59 -4.09 3.72 -10.04
C GLU C 59 -4.10 3.73 -10.07
N ARG C 60 -3.07 3.37 -10.83
CA ARG C 60 -1.76 4.00 -10.62
CA ARG C 60 -1.74 3.99 -10.63
C ARG C 60 -1.82 5.48 -10.90
N SER C 61 -2.46 5.86 -12.00
CA SER C 61 -2.58 7.26 -12.33
C SER C 61 -3.41 8.04 -11.27
N ALA C 62 -4.46 7.41 -10.72
CA ALA C 62 -5.24 8.09 -9.69
C ALA C 62 -4.39 8.34 -8.46
N ALA C 63 -3.53 7.40 -8.12
CA ALA C 63 -2.60 7.55 -7.00
C ALA C 63 -1.59 8.67 -7.30
N ASP C 64 -1.09 8.71 -8.54
CA ASP C 64 -0.16 9.74 -8.93
C ASP C 64 -0.79 11.14 -8.85
N LEU C 65 -2.05 11.27 -9.26
CA LEU C 65 -2.74 12.55 -9.17
C LEU C 65 -2.99 12.96 -7.70
N ASP C 66 -3.22 11.98 -6.85
CA ASP C 66 -3.47 12.25 -5.43
C ASP C 66 -2.22 12.69 -4.68
N ALA C 67 -1.08 12.07 -5.01
CA ALA C 67 0.14 12.20 -4.19
C ALA C 67 1.29 12.85 -4.91
N GLY C 68 1.16 13.04 -6.24
CA GLY C 68 2.30 13.35 -7.08
C GLY C 68 3.14 12.12 -7.35
N ASN C 69 3.90 12.18 -8.43
CA ASN C 69 4.84 11.13 -8.77
C ASN C 69 5.97 11.79 -9.53
N ALA C 70 7.09 11.99 -8.86
CA ALA C 70 8.19 12.73 -9.43
C ALA C 70 8.79 12.03 -10.62
N GLU C 71 8.95 10.71 -10.51
N GLU C 71 8.94 10.70 -10.55
CA GLU C 71 9.54 9.90 -11.58
CA GLU C 71 9.56 9.94 -11.63
C GLU C 71 8.74 10.04 -12.86
C GLU C 71 8.73 10.07 -12.89
N ARG C 72 7.41 10.07 -12.73
CA ARG C 72 6.51 10.19 -13.86
C ARG C 72 6.20 11.64 -14.26
N ASN C 73 6.71 12.59 -13.49
CA ASN C 73 6.48 14.01 -13.70
C ASN C 73 5.00 14.39 -13.63
N VAL C 74 4.34 13.84 -12.62
CA VAL C 74 2.97 14.22 -12.29
C VAL C 74 3.02 15.03 -11.02
N SER C 75 2.52 16.26 -11.10
CA SER C 75 2.50 17.18 -9.97
C SER C 75 1.28 16.97 -9.09
N ARG C 76 1.41 17.11 -7.78
CA ARG C 76 0.22 17.19 -6.91
CA ARG C 76 0.21 17.18 -6.94
CA ARG C 76 0.23 17.18 -6.91
C ARG C 76 -0.42 18.56 -7.10
N MET C 77 -1.72 18.59 -7.18
CA MET C 77 -2.47 19.81 -7.23
C MET C 77 -3.35 19.84 -5.99
N GLY C 78 -2.96 20.69 -5.04
CA GLY C 78 -3.61 20.71 -3.74
C GLY C 78 -4.77 21.68 -3.60
N ALA C 79 -5.14 22.40 -4.67
CA ALA C 79 -6.23 23.41 -4.52
C ALA C 79 -7.47 22.60 -4.01
N PRO C 80 -8.21 23.24 -3.07
CA PRO C 80 -9.27 22.45 -2.45
C PRO C 80 -10.33 21.87 -3.40
N GLU C 81 -10.71 22.63 -4.43
CA GLU C 81 -11.72 22.16 -5.37
C GLU C 81 -11.22 20.96 -6.18
N ILE C 82 -9.92 20.93 -6.45
CA ILE C 82 -9.35 19.83 -7.22
C ILE C 82 -9.25 18.59 -6.34
N ALA C 83 -8.76 18.76 -5.10
CA ALA C 83 -8.72 17.63 -4.16
C ALA C 83 -10.13 17.05 -3.93
N ALA C 84 -11.12 17.94 -3.80
CA ALA C 84 -12.51 17.50 -3.57
C ALA C 84 -13.03 16.70 -4.76
N GLN C 85 -12.71 17.17 -5.97
CA GLN C 85 -13.13 16.46 -7.17
C GLN C 85 -12.46 15.08 -7.28
N ARG C 86 -11.19 14.97 -6.89
CA ARG C 86 -10.55 13.65 -6.88
C ARG C 86 -11.28 12.72 -5.93
N GLN C 87 -11.70 13.22 -4.77
CA GLN C 87 -12.45 12.40 -3.82
C GLN C 87 -13.83 11.95 -4.40
N LYS C 88 -14.53 12.88 -5.07
CA LYS C 88 -15.81 12.56 -5.66
C LYS C 88 -15.62 11.47 -6.73
N VAL C 89 -14.61 11.64 -7.57
CA VAL C 89 -14.27 10.65 -8.58
C VAL C 89 -13.97 9.29 -7.97
N ALA C 90 -13.23 9.28 -6.87
CA ALA C 90 -12.86 8.01 -6.25
C ALA C 90 -14.08 7.21 -5.80
N GLN C 91 -15.09 7.89 -5.26
CA GLN C 91 -16.28 7.16 -4.81
CA GLN C 91 -16.30 7.18 -4.81
C GLN C 91 -17.02 6.51 -5.99
N ILE C 92 -17.14 7.25 -7.09
CA ILE C 92 -17.80 6.72 -8.31
C ILE C 92 -16.97 5.56 -8.87
N TRP C 93 -15.65 5.77 -8.93
CA TRP C 93 -14.74 4.75 -9.42
C TRP C 93 -14.92 3.43 -8.68
N GLY C 94 -15.02 3.46 -7.36
CA GLY C 94 -15.14 2.20 -6.65
C GLY C 94 -16.31 1.37 -7.09
N ARG C 95 -17.45 2.03 -7.26
CA ARG C 95 -18.64 1.33 -7.70
CA ARG C 95 -18.64 1.32 -7.69
C ARG C 95 -18.51 0.84 -9.16
N TYR C 96 -17.94 1.66 -10.01
CA TYR C 96 -17.73 1.32 -11.41
C TYR C 96 -16.80 0.12 -11.57
N ARG C 97 -15.72 0.10 -10.80
CA ARG C 97 -14.76 -1.00 -10.89
C ARG C 97 -15.45 -2.33 -10.60
N ALA C 98 -16.30 -2.35 -9.57
CA ALA C 98 -16.99 -3.56 -9.23
C ALA C 98 -17.91 -4.00 -10.38
N MET C 99 -18.57 -3.04 -11.01
CA MET C 99 -19.43 -3.36 -12.15
CA MET C 99 -19.42 -3.35 -12.15
C MET C 99 -18.64 -3.93 -13.32
N LEU C 100 -17.48 -3.35 -13.61
CA LEU C 100 -16.64 -3.86 -14.71
C LEU C 100 -16.34 -5.36 -14.55
N ASP C 101 -15.96 -5.71 -13.32
CA ASP C 101 -15.57 -7.10 -13.09
C ASP C 101 -16.72 -8.05 -13.25
N GLN C 102 -17.94 -7.62 -12.95
CA GLN C 102 -19.14 -8.42 -13.18
CA GLN C 102 -19.11 -8.45 -13.18
C GLN C 102 -19.49 -8.48 -14.66
N VAL C 103 -19.47 -7.33 -15.32
CA VAL C 103 -19.82 -7.29 -16.76
C VAL C 103 -18.94 -8.23 -17.55
N ALA C 104 -17.65 -8.28 -17.21
CA ALA C 104 -16.68 -9.06 -17.95
C ALA C 104 -16.86 -10.58 -17.85
N GLN C 105 -17.71 -11.06 -16.93
CA GLN C 105 -17.99 -12.50 -16.78
C GLN C 105 -19.23 -12.84 -17.60
N PRO C 106 -19.07 -13.62 -18.68
CA PRO C 106 -20.24 -13.86 -19.55
C PRO C 106 -21.48 -14.40 -18.85
N ALA C 107 -21.29 -15.20 -17.79
CA ALA C 107 -22.40 -15.87 -17.13
C ALA C 107 -22.92 -15.14 -15.91
N SER C 108 -22.51 -13.90 -15.69
CA SER C 108 -22.97 -13.15 -14.52
C SER C 108 -24.30 -12.45 -14.77
N GLN C 109 -24.89 -11.99 -13.68
CA GLN C 109 -26.09 -11.16 -13.70
C GLN C 109 -25.68 -9.72 -13.54
N VAL C 110 -26.06 -8.85 -14.48
CA VAL C 110 -25.72 -7.46 -14.43
CA VAL C 110 -25.68 -7.46 -14.45
C VAL C 110 -26.84 -6.61 -14.99
N ASP C 111 -26.75 -5.31 -14.76
CA ASP C 111 -27.70 -4.32 -15.30
C ASP C 111 -26.91 -3.48 -16.30
N LEU C 112 -27.01 -3.80 -17.60
CA LEU C 112 -26.16 -3.14 -18.58
C LEU C 112 -26.51 -1.66 -18.77
N ARG C 113 -27.78 -1.29 -18.62
CA ARG C 113 -28.11 0.13 -18.71
CA ARG C 113 -28.18 0.14 -18.67
C ARG C 113 -27.56 0.89 -17.51
N GLY C 114 -27.59 0.27 -16.33
CA GLY C 114 -26.97 0.90 -15.17
C GLY C 114 -25.48 1.07 -15.35
N PHE C 115 -24.84 0.07 -15.92
CA PHE C 115 -23.41 0.09 -16.19
C PHE C 115 -23.05 1.26 -17.13
N SER C 116 -23.81 1.39 -18.21
CA SER C 116 -23.53 2.46 -19.15
CA SER C 116 -23.59 2.45 -19.15
C SER C 116 -23.74 3.82 -18.50
N GLN C 117 -24.80 3.97 -17.71
CA GLN C 117 -25.03 5.24 -17.02
CA GLN C 117 -25.05 5.23 -16.98
C GLN C 117 -23.83 5.57 -16.11
N TYR C 118 -23.34 4.56 -15.44
N TYR C 118 -23.33 4.58 -15.34
CA TYR C 118 -22.26 4.76 -14.53
CA TYR C 118 -22.15 4.79 -14.46
C TYR C 118 -20.94 5.10 -15.25
C TYR C 118 -20.90 5.13 -15.26
N SER C 119 -20.71 4.46 -16.40
CA SER C 119 -19.58 4.79 -17.22
C SER C 119 -19.60 6.25 -17.66
N THR C 120 -20.78 6.69 -18.10
CA THR C 120 -20.94 8.08 -18.52
CA THR C 120 -21.01 8.09 -18.51
C THR C 120 -20.75 9.04 -17.35
N GLU C 121 -21.27 8.68 -16.17
CA GLU C 121 -21.11 9.53 -15.00
CA GLU C 121 -21.11 9.55 -15.01
C GLU C 121 -19.66 9.67 -14.61
N LEU C 122 -18.94 8.57 -14.56
CA LEU C 122 -17.51 8.61 -14.21
C LEU C 122 -16.76 9.48 -15.21
N LEU C 123 -17.03 9.25 -16.50
CA LEU C 123 -16.40 10.04 -17.56
C LEU C 123 -16.63 11.53 -17.34
N GLY C 124 -17.87 11.90 -17.04
CA GLY C 124 -18.19 13.32 -16.82
C GLY C 124 -17.44 13.90 -15.64
N GLU C 125 -17.32 13.13 -14.56
CA GLU C 125 -16.61 13.61 -13.39
C GLU C 125 -15.10 13.68 -13.62
N LEU C 126 -14.57 12.77 -14.43
CA LEU C 126 -13.17 12.87 -14.82
C LEU C 126 -12.94 14.07 -15.72
N ASN C 127 -13.87 14.35 -16.61
CA ASN C 127 -13.78 15.54 -17.44
C ASN C 127 -13.82 16.79 -16.58
N ASN C 128 -14.69 16.79 -15.57
CA ASN C 128 -14.73 17.94 -14.66
C ASN C 128 -13.42 18.12 -13.91
N LEU C 129 -12.80 17.01 -13.52
CA LEU C 129 -11.49 17.07 -12.87
C LEU C 129 -10.46 17.74 -13.80
N VAL C 130 -10.39 17.28 -15.05
CA VAL C 130 -9.48 17.88 -16.02
C VAL C 130 -9.72 19.39 -16.17
N SER C 131 -10.98 19.78 -16.26
CA SER C 131 -11.33 21.19 -16.41
CA SER C 131 -11.33 21.19 -16.41
C SER C 131 -10.82 22.00 -15.21
N LEU C 132 -11.05 21.48 -14.00
CA LEU C 132 -10.61 22.20 -12.80
C LEU C 132 -9.09 22.33 -12.75
N MET C 133 -8.40 21.25 -13.12
CA MET C 133 -6.94 21.24 -13.16
C MET C 133 -6.40 22.27 -14.13
N SER C 134 -6.99 22.30 -15.32
CA SER C 134 -6.54 23.21 -16.36
CA SER C 134 -6.55 23.20 -16.38
C SER C 134 -6.82 24.65 -15.98
N ALA C 135 -7.96 24.90 -15.34
CA ALA C 135 -8.29 26.26 -14.92
C ALA C 135 -7.23 26.79 -13.98
N ARG C 136 -6.82 25.93 -13.05
CA ARG C 136 -5.84 26.34 -12.05
C ARG C 136 -4.46 26.45 -12.65
N ALA C 137 -4.12 25.54 -13.55
CA ALA C 137 -2.79 25.51 -14.17
C ALA C 137 -2.53 26.63 -15.17
N ASP C 138 -3.55 26.98 -15.97
N ASP C 138 -3.55 27.05 -15.92
CA ASP C 138 -3.38 27.93 -17.08
CA ASP C 138 -3.40 28.12 -16.92
C ASP C 138 -3.73 29.34 -16.62
C ASP C 138 -3.49 29.49 -16.28
#